data_2YSS
#
_entry.id   2YSS
#
_cell.length_a   62.302
_cell.length_b   73.933
_cell.length_c   75.640
_cell.angle_alpha   90.00
_cell.angle_beta   90.00
_cell.angle_gamma   90.00
#
_symmetry.space_group_name_H-M   'P 21 21 21'
#
loop_
_entity.id
_entity.type
_entity.pdbx_description
1 polymer 'ANTI-LYSOZYME ANTIBODY FV REGION'
2 polymer 'ANTI-LYSOZYME ANTIBODY FV REGION'
3 polymer 'Lysozyme C'
4 water water
#
loop_
_entity_poly.entity_id
_entity_poly.type
_entity_poly.pdbx_seq_one_letter_code
_entity_poly.pdbx_strand_id
1 'polypeptide(L)'
;EIVMTQSPATLSVSPGERATLSCRASQSIGNNLHWYQQKPGQAPRLLIYYASQSISGIPARFSGSGSGTEFTLTISSLQS
EDFAVYYCQQSNSWPYTFGGGTKVEIK
;
A
2 'polypeptide(L)'
;QVQLQESGPGLMKPSETLSLTCSVSGDSIRSDYWSWIRKPPGKGLEYIGYVSYSGSTYYNPSLKSRVTISVDTSKNRFSL
KLNSVTAADTAVYYCARWDGDYWGQGILVTVSS
;
B
3 'polypeptide(L)'
;KVFGRCELAAAMKRHGLDNYRGYSLGNWVCAAKFESNFNTQATNRNTDGSTDYGILQINSRWWCNDGRTPGSRNLCNIPC
SALLSSDITASVNCAKKIVSDGNGMNAWVAWRNRCKGTDVQAWIRGCRL
;
C
#
# COMPACT_ATOMS: atom_id res chain seq x y z
N GLU A 1 -13.33 5.53 10.36
CA GLU A 1 -12.03 5.33 9.65
C GLU A 1 -10.95 6.26 10.22
N ILE A 2 -9.70 5.94 9.93
CA ILE A 2 -8.61 6.77 10.41
C ILE A 2 -8.62 8.08 9.65
N VAL A 3 -8.56 9.19 10.38
CA VAL A 3 -8.56 10.50 9.76
C VAL A 3 -7.14 11.04 9.71
N MET A 4 -6.72 11.45 8.52
CA MET A 4 -5.40 12.00 8.29
C MET A 4 -5.51 13.51 8.16
N THR A 5 -4.75 14.24 8.97
CA THR A 5 -4.75 15.71 8.92
C THR A 5 -3.43 16.25 8.37
N GLN A 6 -3.48 16.91 7.23
CA GLN A 6 -2.27 17.48 6.65
C GLN A 6 -2.20 18.98 6.98
N SER A 7 -1.01 19.46 7.32
CA SER A 7 -0.85 20.88 7.67
C SER A 7 0.40 21.46 7.00
N PRO A 8 0.28 22.64 6.37
CA PRO A 8 -0.96 23.43 6.25
C PRO A 8 -1.67 23.07 4.96
N ALA A 9 -2.79 23.73 4.67
CA ALA A 9 -3.54 23.44 3.45
C ALA A 9 -2.74 23.97 2.26
N THR A 10 -2.21 25.17 2.39
CA THR A 10 -1.40 25.76 1.32
C THR A 10 -0.11 26.29 1.93
N LEU A 11 1.00 25.67 1.57
CA LEU A 11 2.30 26.08 2.07
C LEU A 11 2.93 26.93 0.99
N SER A 12 3.27 28.17 1.35
CA SER A 12 3.88 29.09 0.41
C SER A 12 5.37 29.22 0.69
N VAL A 13 6.19 28.94 -0.31
CA VAL A 13 7.64 29.01 -0.12
C VAL A 13 8.35 29.53 -1.36
N SER A 14 9.57 30.03 -1.16
CA SER A 14 10.38 30.56 -2.26
C SER A 14 11.37 29.49 -2.74
N PRO A 15 11.69 29.49 -4.04
CA PRO A 15 12.63 28.50 -4.59
C PRO A 15 13.91 28.41 -3.78
N GLY A 16 14.42 27.20 -3.62
CA GLY A 16 15.65 26.98 -2.89
C GLY A 16 15.49 26.77 -1.39
N GLU A 17 14.42 27.31 -0.81
CA GLU A 17 14.19 27.18 0.63
C GLU A 17 13.68 25.79 1.04
N ARG A 18 13.78 25.49 2.33
CA ARG A 18 13.33 24.20 2.84
C ARG A 18 11.84 24.24 3.16
N ALA A 19 11.18 23.11 2.96
CA ALA A 19 9.76 23.01 3.23
C ALA A 19 9.45 21.77 4.08
N THR A 20 8.57 21.93 5.07
CA THR A 20 8.18 20.82 5.91
C THR A 20 6.67 20.69 5.96
N LEU A 21 6.17 19.57 5.47
CA LEU A 21 4.75 19.29 5.47
C LEU A 21 4.50 18.34 6.64
N SER A 22 3.41 18.56 7.37
CA SER A 22 3.09 17.69 8.49
C SER A 22 1.82 16.91 8.24
N CYS A 23 1.83 15.66 8.68
CA CYS A 23 0.69 14.75 8.54
C CYS A 23 0.46 14.07 9.89
N ARG A 24 -0.75 14.20 10.42
CA ARG A 24 -1.06 13.56 11.69
C ARG A 24 -2.17 12.56 11.48
N ALA A 25 -2.15 11.49 12.26
CA ALA A 25 -3.17 10.45 12.14
C ALA A 25 -3.99 10.37 13.42
N SER A 26 -5.29 10.15 13.28
CA SER A 26 -6.16 10.08 14.46
C SER A 26 -5.97 8.76 15.21
N GLN A 27 -5.21 7.84 14.61
CA GLN A 27 -4.90 6.55 15.23
C GLN A 27 -3.42 6.22 14.96
N SER A 28 -2.79 5.48 15.86
CA SER A 28 -1.37 5.11 15.67
C SER A 28 -1.27 4.22 14.43
N ILE A 29 -0.41 4.59 13.48
CA ILE A 29 -0.32 3.77 12.28
C ILE A 29 1.06 3.19 12.00
N GLY A 30 1.86 3.05 13.05
CA GLY A 30 3.20 2.50 12.91
C GLY A 30 4.02 3.34 11.94
N ASN A 31 4.43 2.74 10.82
CA ASN A 31 5.21 3.43 9.80
C ASN A 31 4.47 3.33 8.48
N ASN A 32 3.19 2.95 8.57
CA ASN A 32 2.32 2.77 7.42
C ASN A 32 1.71 4.06 6.86
N LEU A 33 2.61 4.96 6.48
CA LEU A 33 2.27 6.24 5.94
C LEU A 33 3.08 6.43 4.64
N HIS A 34 2.41 6.84 3.56
CA HIS A 34 3.10 7.04 2.28
C HIS A 34 2.80 8.45 1.78
N TRP A 35 3.75 9.04 1.06
CA TRP A 35 3.54 10.38 0.53
C TRP A 35 3.44 10.37 -0.98
N TYR A 36 2.50 11.16 -1.49
CA TYR A 36 2.29 11.27 -2.93
C TYR A 36 2.44 12.71 -3.39
N GLN A 37 2.85 12.86 -4.65
CA GLN A 37 3.00 14.17 -5.26
C GLN A 37 2.12 14.18 -6.50
N GLN A 38 1.26 15.18 -6.64
CA GLN A 38 0.41 15.25 -7.83
C GLN A 38 0.49 16.61 -8.52
N LYS A 39 1.20 16.65 -9.65
CA LYS A 39 1.33 17.89 -10.42
C LYS A 39 0.04 18.03 -11.24
N PRO A 40 -0.29 19.25 -11.69
CA PRO A 40 -1.51 19.45 -12.48
C PRO A 40 -1.62 18.58 -13.74
N GLY A 41 -2.81 18.06 -13.98
CA GLY A 41 -3.06 17.23 -15.14
C GLY A 41 -2.47 15.82 -15.10
N GLN A 42 -1.57 15.56 -14.14
CA GLN A 42 -0.96 14.25 -14.02
C GLN A 42 -1.57 13.40 -12.90
N ALA A 43 -1.19 12.13 -12.86
CA ALA A 43 -1.65 11.20 -11.85
C ALA A 43 -0.68 11.33 -10.67
N PRO A 44 -1.12 10.97 -9.45
CA PRO A 44 -0.20 11.09 -8.31
C PRO A 44 1.03 10.22 -8.50
N ARG A 45 2.14 10.63 -7.90
CA ARG A 45 3.38 9.87 -7.98
C ARG A 45 3.88 9.58 -6.56
N LEU A 46 4.23 8.32 -6.30
CA LEU A 46 4.71 7.92 -5.00
C LEU A 46 6.13 8.47 -4.77
N LEU A 47 6.33 9.17 -3.65
CA LEU A 47 7.64 9.75 -3.32
C LEU A 47 8.35 9.01 -2.20
N ILE A 48 7.63 8.81 -1.10
CA ILE A 48 8.17 8.13 0.06
C ILE A 48 7.17 7.10 0.54
N TYR A 49 7.63 5.88 0.83
CA TYR A 49 6.72 4.87 1.33
C TYR A 49 7.17 4.39 2.71
N TYR A 50 6.21 3.94 3.50
CA TYR A 50 6.46 3.49 4.87
C TYR A 50 7.26 4.54 5.64
N ALA A 51 6.72 5.75 5.66
CA ALA A 51 7.25 6.91 6.37
C ALA A 51 8.63 7.46 6.00
N SER A 52 9.60 6.58 5.78
CA SER A 52 10.94 7.06 5.45
C SER A 52 11.71 6.30 4.37
N GLN A 53 11.11 5.28 3.79
CA GLN A 53 11.78 4.50 2.76
C GLN A 53 11.81 5.26 1.45
N SER A 54 13.01 5.56 0.97
CA SER A 54 13.16 6.32 -0.27
C SER A 54 13.02 5.47 -1.53
N ILE A 55 12.63 6.13 -2.62
CA ILE A 55 12.42 5.47 -3.91
C ILE A 55 13.44 5.92 -4.95
N SER A 56 14.03 4.95 -5.65
CA SER A 56 15.02 5.28 -6.68
C SER A 56 14.32 6.05 -7.81
N GLY A 57 14.91 7.17 -8.21
CA GLY A 57 14.32 7.97 -9.26
C GLY A 57 13.64 9.20 -8.71
N ILE A 58 13.77 9.39 -7.40
CA ILE A 58 13.18 10.52 -6.69
C ILE A 58 14.32 11.40 -6.18
N PRO A 59 14.20 12.73 -6.35
CA PRO A 59 15.23 13.67 -5.90
C PRO A 59 15.61 13.46 -4.43
N ALA A 60 16.90 13.52 -4.15
CA ALA A 60 17.42 13.34 -2.80
C ALA A 60 16.88 14.39 -1.82
N ARG A 61 16.38 15.51 -2.34
CA ARG A 61 15.86 16.55 -1.47
C ARG A 61 14.55 16.18 -0.76
N PHE A 62 13.96 15.04 -1.13
CA PHE A 62 12.73 14.56 -0.52
C PHE A 62 13.03 13.49 0.54
N SER A 63 12.50 13.67 1.74
CA SER A 63 12.70 12.69 2.82
C SER A 63 11.62 12.82 3.89
N GLY A 64 11.18 11.68 4.39
CA GLY A 64 10.15 11.70 5.40
C GLY A 64 10.64 11.08 6.69
N SER A 65 9.92 11.34 7.77
CA SER A 65 10.25 10.75 9.05
C SER A 65 9.03 10.77 9.93
N GLY A 66 9.14 10.11 11.07
CA GLY A 66 8.04 10.06 12.01
C GLY A 66 7.48 8.66 12.18
N SER A 67 6.58 8.52 13.15
CA SER A 67 5.95 7.24 13.44
C SER A 67 4.78 7.49 14.39
N GLY A 68 3.97 6.47 14.59
CA GLY A 68 2.82 6.60 15.47
C GLY A 68 1.73 7.42 14.79
N THR A 69 1.63 8.69 15.18
CA THR A 69 0.62 9.59 14.64
C THR A 69 1.25 10.86 14.07
N GLU A 70 2.55 11.03 14.24
CA GLU A 70 3.21 12.23 13.73
C GLU A 70 4.22 11.94 12.62
N PHE A 71 3.98 12.52 11.45
CA PHE A 71 4.85 12.34 10.30
C PHE A 71 5.24 13.65 9.64
N THR A 72 6.40 13.65 8.99
CA THR A 72 6.88 14.85 8.34
C THR A 72 7.57 14.59 7.02
N LEU A 73 7.26 15.42 6.03
CA LEU A 73 7.89 15.32 4.73
C LEU A 73 8.72 16.59 4.59
N THR A 74 10.03 16.42 4.47
CA THR A 74 10.92 17.56 4.33
C THR A 74 11.46 17.69 2.90
N ILE A 75 11.42 18.91 2.38
CA ILE A 75 11.93 19.18 1.04
C ILE A 75 13.06 20.20 1.18
N SER A 76 14.28 19.73 1.04
CA SER A 76 15.48 20.57 1.18
C SER A 76 15.46 21.85 0.36
N SER A 77 15.80 21.76 -0.92
CA SER A 77 15.83 22.92 -1.80
C SER A 77 14.65 22.92 -2.75
N LEU A 78 13.57 23.57 -2.35
CA LEU A 78 12.38 23.62 -3.18
C LEU A 78 12.76 24.13 -4.58
N GLN A 79 12.39 23.36 -5.60
CA GLN A 79 12.66 23.73 -6.98
C GLN A 79 11.36 23.95 -7.73
N SER A 80 11.47 24.45 -8.96
CA SER A 80 10.30 24.73 -9.79
C SER A 80 9.40 23.52 -10.03
N GLU A 81 10.02 22.35 -10.21
CA GLU A 81 9.27 21.12 -10.46
C GLU A 81 8.72 20.48 -9.18
N ASP A 82 9.03 21.06 -8.03
CA ASP A 82 8.55 20.53 -6.76
C ASP A 82 7.22 21.15 -6.38
N PHE A 83 6.81 22.17 -7.14
CA PHE A 83 5.55 22.84 -6.88
C PHE A 83 4.37 22.01 -7.35
N ALA A 84 3.59 21.51 -6.40
CA ALA A 84 2.43 20.67 -6.68
C ALA A 84 1.70 20.37 -5.36
N VAL A 85 0.71 19.48 -5.42
CA VAL A 85 -0.04 19.09 -4.22
C VAL A 85 0.55 17.79 -3.68
N TYR A 86 0.66 17.70 -2.35
CA TYR A 86 1.22 16.50 -1.71
C TYR A 86 0.21 15.86 -0.78
N TYR A 87 0.09 14.54 -0.87
CA TYR A 87 -0.83 13.79 -0.04
C TYR A 87 -0.15 12.69 0.77
N CYS A 88 -0.61 12.49 2.00
CA CYS A 88 -0.10 11.39 2.81
C CYS A 88 -1.23 10.36 2.81
N GLN A 89 -0.89 9.09 2.90
CA GLN A 89 -1.91 8.04 2.89
C GLN A 89 -1.50 6.95 3.86
N GLN A 90 -2.46 6.48 4.66
CA GLN A 90 -2.15 5.41 5.60
C GLN A 90 -2.69 4.09 5.06
N SER A 91 -1.94 3.01 5.29
CA SER A 91 -2.34 1.70 4.82
C SER A 91 -2.44 0.75 6.02
N ASN A 92 -2.44 1.32 7.20
CA ASN A 92 -2.51 0.53 8.43
C ASN A 92 -3.87 -0.13 8.61
N SER A 93 -4.92 0.59 8.23
CA SER A 93 -6.28 0.08 8.40
C SER A 93 -7.17 0.33 7.20
N TRP A 94 -8.13 -0.55 6.98
CA TRP A 94 -9.07 -0.39 5.89
C TRP A 94 -10.34 0.25 6.47
N PRO A 95 -10.90 1.26 5.78
CA PRO A 95 -10.43 1.79 4.50
C PRO A 95 -9.17 2.65 4.56
N TYR A 96 -8.40 2.59 3.47
CA TYR A 96 -7.18 3.39 3.36
C TYR A 96 -7.70 4.82 3.25
N THR A 97 -6.97 5.77 3.83
CA THR A 97 -7.41 7.15 3.77
C THR A 97 -6.27 8.10 3.45
N PHE A 98 -6.61 9.18 2.77
CA PHE A 98 -5.66 10.22 2.37
C PHE A 98 -5.92 11.50 3.18
N GLY A 99 -4.88 12.29 3.36
CA GLY A 99 -5.06 13.55 4.05
C GLY A 99 -5.74 14.48 3.04
N GLY A 100 -6.09 15.69 3.47
CA GLY A 100 -6.75 16.63 2.57
C GLY A 100 -5.83 17.16 1.48
N GLY A 101 -4.53 16.97 1.66
CA GLY A 101 -3.57 17.44 0.69
C GLY A 101 -2.91 18.74 1.11
N THR A 102 -1.70 18.97 0.61
CA THR A 102 -0.98 20.21 0.92
C THR A 102 -0.42 20.79 -0.37
N LYS A 103 -1.02 21.88 -0.81
CA LYS A 103 -0.60 22.56 -2.02
C LYS A 103 0.63 23.42 -1.76
N VAL A 104 1.77 23.01 -2.31
CA VAL A 104 3.02 23.75 -2.14
C VAL A 104 3.17 24.69 -3.33
N GLU A 105 3.05 26.00 -3.08
CA GLU A 105 3.17 26.98 -4.15
C GLU A 105 4.30 27.96 -3.90
N ILE A 106 4.71 28.66 -4.95
CA ILE A 106 5.81 29.61 -4.90
C ILE A 106 5.48 30.95 -4.22
N LYS A 107 6.43 31.42 -3.42
CA LYS A 107 6.30 32.68 -2.69
C LYS A 107 7.43 33.62 -3.09
N GLN B 1 8.35 -1.53 -15.68
CA GLN B 1 7.81 -1.15 -17.03
C GLN B 1 6.42 -1.77 -17.18
N VAL B 2 5.40 -1.01 -16.79
CA VAL B 2 4.01 -1.45 -16.88
C VAL B 2 3.16 -0.27 -17.30
N GLN B 3 2.22 -0.50 -18.21
CA GLN B 3 1.36 0.58 -18.66
C GLN B 3 -0.11 0.31 -18.33
N LEU B 4 -0.77 1.31 -17.75
CA LEU B 4 -2.18 1.23 -17.39
C LEU B 4 -2.96 2.25 -18.20
N GLN B 5 -4.18 1.89 -18.59
CA GLN B 5 -5.00 2.79 -19.39
C GLN B 5 -6.49 2.73 -19.05
N GLU B 6 -7.02 3.82 -18.51
CA GLU B 6 -8.44 3.87 -18.16
C GLU B 6 -9.29 4.07 -19.42
N SER B 7 -10.56 3.66 -19.32
CA SER B 7 -11.50 3.83 -20.42
C SER B 7 -12.89 3.79 -19.82
N GLY B 8 -13.77 4.64 -20.33
CA GLY B 8 -15.13 4.69 -19.83
C GLY B 8 -15.87 5.90 -20.36
N PRO B 9 -16.94 6.34 -19.67
CA PRO B 9 -17.73 7.51 -20.10
C PRO B 9 -17.20 8.80 -19.51
N GLY B 10 -17.63 9.93 -20.09
CA GLY B 10 -17.20 11.22 -19.60
C GLY B 10 -18.34 11.94 -18.90
N LEU B 11 -19.56 11.64 -19.36
CA LEU B 11 -20.77 12.22 -18.80
C LEU B 11 -21.87 11.17 -18.76
N MET B 12 -22.66 11.16 -17.69
CA MET B 12 -23.76 10.22 -17.57
C MET B 12 -24.79 10.62 -16.52
N LYS B 13 -26.04 10.25 -16.77
CA LYS B 13 -27.15 10.57 -15.88
C LYS B 13 -27.08 9.91 -14.52
N PRO B 14 -27.74 10.49 -13.50
CA PRO B 14 -27.78 9.97 -12.14
C PRO B 14 -28.59 8.69 -12.04
N SER B 15 -28.39 7.95 -10.95
CA SER B 15 -29.11 6.70 -10.72
C SER B 15 -28.63 5.58 -11.64
N GLU B 16 -27.75 5.91 -12.58
CA GLU B 16 -27.23 4.90 -13.50
C GLU B 16 -25.96 4.29 -12.93
N THR B 17 -25.41 3.30 -13.62
CA THR B 17 -24.19 2.65 -13.18
C THR B 17 -22.96 3.14 -13.93
N LEU B 18 -21.92 3.49 -13.19
CA LEU B 18 -20.68 3.93 -13.80
C LEU B 18 -19.79 2.72 -13.98
N SER B 19 -19.33 2.50 -15.20
CA SER B 19 -18.46 1.36 -15.49
C SER B 19 -17.15 1.80 -16.12
N LEU B 20 -16.05 1.39 -15.51
CA LEU B 20 -14.73 1.72 -16.00
C LEU B 20 -13.87 0.47 -16.10
N THR B 21 -12.91 0.50 -17.01
CA THR B 21 -11.99 -0.60 -17.20
C THR B 21 -10.59 -0.03 -17.26
N CYS B 22 -9.62 -0.85 -16.90
CA CYS B 22 -8.22 -0.45 -16.91
C CYS B 22 -7.47 -1.56 -17.60
N SER B 23 -6.91 -1.27 -18.77
CA SER B 23 -6.17 -2.27 -19.52
C SER B 23 -4.72 -2.22 -19.07
N VAL B 24 -4.15 -3.38 -18.76
CA VAL B 24 -2.77 -3.47 -18.31
C VAL B 24 -1.84 -4.12 -19.34
N SER B 25 -0.85 -3.37 -19.79
CA SER B 25 0.11 -3.91 -20.76
C SER B 25 1.50 -4.01 -20.15
N GLY B 26 2.31 -4.95 -20.64
CA GLY B 26 3.66 -5.11 -20.14
C GLY B 26 3.75 -5.86 -18.83
N ASP B 27 2.61 -6.30 -18.32
CA ASP B 27 2.56 -7.05 -17.06
C ASP B 27 1.30 -7.90 -17.08
N SER B 28 1.28 -8.96 -16.28
CA SER B 28 0.11 -9.83 -16.24
C SER B 28 -0.78 -9.46 -15.06
N ILE B 29 -2.09 -9.38 -15.31
CA ILE B 29 -3.05 -9.05 -14.27
C ILE B 29 -2.91 -10.16 -13.22
N ARG B 30 -2.22 -11.23 -13.61
CA ARG B 30 -1.94 -12.41 -12.80
C ARG B 30 -2.80 -12.55 -11.55
N SER B 31 -2.15 -12.58 -10.39
CA SER B 31 -2.81 -12.69 -9.10
C SER B 31 -2.38 -11.46 -8.30
N ASP B 32 -2.04 -10.39 -9.00
CA ASP B 32 -1.56 -9.16 -8.37
C ASP B 32 -2.71 -8.33 -7.80
N TYR B 33 -2.35 -7.28 -7.05
CA TYR B 33 -3.37 -6.43 -6.41
C TYR B 33 -3.64 -5.18 -7.24
N TRP B 34 -4.92 -4.88 -7.47
CA TRP B 34 -5.30 -3.71 -8.24
C TRP B 34 -6.28 -2.82 -7.48
N SER B 35 -6.09 -1.50 -7.61
CA SER B 35 -6.89 -0.52 -6.88
C SER B 35 -7.53 0.56 -7.74
N TRP B 36 -8.53 1.23 -7.16
CA TRP B 36 -9.21 2.35 -7.83
C TRP B 36 -9.23 3.54 -6.87
N ILE B 37 -8.75 4.68 -7.35
CA ILE B 37 -8.70 5.91 -6.56
C ILE B 37 -9.41 7.03 -7.31
N ARG B 38 -10.02 7.96 -6.60
CA ARG B 38 -10.67 9.08 -7.28
C ARG B 38 -10.44 10.39 -6.54
N LYS B 39 -10.49 11.48 -7.30
CA LYS B 39 -10.32 12.80 -6.74
C LYS B 39 -11.51 13.68 -7.11
N PRO B 40 -12.39 13.96 -6.13
CA PRO B 40 -13.57 14.79 -6.35
C PRO B 40 -13.19 16.25 -6.59
N PRO B 41 -13.99 16.98 -7.38
CA PRO B 41 -13.70 18.39 -7.67
C PRO B 41 -13.65 19.19 -6.36
N GLY B 42 -12.52 19.86 -6.13
CA GLY B 42 -12.36 20.64 -4.91
C GLY B 42 -12.24 19.82 -3.64
N LYS B 43 -11.72 18.60 -3.76
CA LYS B 43 -11.52 17.72 -2.61
C LYS B 43 -10.22 16.93 -2.81
N GLY B 44 -9.81 16.18 -1.79
CA GLY B 44 -8.58 15.40 -1.91
C GLY B 44 -8.76 14.04 -2.57
N LEU B 45 -7.82 13.14 -2.33
CA LEU B 45 -7.90 11.80 -2.89
C LEU B 45 -8.72 10.90 -1.99
N GLU B 46 -9.48 10.00 -2.60
CA GLU B 46 -10.33 9.06 -1.89
C GLU B 46 -10.07 7.67 -2.46
N TYR B 47 -9.86 6.69 -1.57
CA TYR B 47 -9.58 5.33 -2.01
C TYR B 47 -10.89 4.57 -2.22
N ILE B 48 -11.09 4.09 -3.44
CA ILE B 48 -12.31 3.37 -3.78
C ILE B 48 -12.29 1.96 -3.23
N GLY B 49 -11.18 1.26 -3.49
CA GLY B 49 -11.03 -0.11 -3.02
C GLY B 49 -10.04 -0.87 -3.89
N TYR B 50 -9.90 -2.16 -3.62
CA TYR B 50 -8.97 -2.96 -4.39
C TYR B 50 -9.30 -4.44 -4.34
N VAL B 51 -8.71 -5.18 -5.28
CA VAL B 51 -8.86 -6.63 -5.31
C VAL B 51 -7.45 -7.24 -5.18
N SER B 52 -7.32 -8.31 -4.40
CA SER B 52 -6.02 -8.98 -4.16
C SER B 52 -5.89 -10.37 -4.78
N TYR B 53 -4.80 -11.09 -4.49
CA TYR B 53 -4.55 -12.40 -5.10
C TYR B 53 -5.64 -13.43 -5.01
N SER B 54 -6.25 -13.60 -3.83
CA SER B 54 -7.31 -14.60 -3.67
C SER B 54 -8.57 -14.25 -4.47
N GLY B 55 -8.74 -12.96 -4.75
CA GLY B 55 -9.92 -12.52 -5.47
C GLY B 55 -10.76 -11.71 -4.50
N SER B 56 -10.35 -11.72 -3.25
CA SER B 56 -11.06 -10.97 -2.21
C SER B 56 -11.00 -9.49 -2.57
N THR B 57 -12.08 -8.77 -2.29
CA THR B 57 -12.12 -7.35 -2.61
C THR B 57 -12.41 -6.52 -1.37
N TYR B 58 -11.80 -5.34 -1.30
CA TYR B 58 -12.05 -4.43 -0.19
C TYR B 58 -12.65 -3.14 -0.76
N TYR B 59 -13.80 -2.72 -0.22
CA TYR B 59 -14.48 -1.51 -0.71
C TYR B 59 -14.62 -0.43 0.37
N ASN B 60 -14.31 0.80 0.00
CA ASN B 60 -14.44 1.91 0.94
C ASN B 60 -15.92 1.96 1.36
N PRO B 61 -16.21 1.86 2.68
CA PRO B 61 -17.57 1.89 3.23
C PRO B 61 -18.37 3.15 2.92
N SER B 62 -17.66 4.25 2.72
CA SER B 62 -18.28 5.52 2.42
C SER B 62 -19.08 5.47 1.11
N LEU B 63 -18.79 4.44 0.31
CA LEU B 63 -19.47 4.28 -0.97
C LEU B 63 -20.75 3.46 -0.87
N LYS B 64 -21.22 3.29 0.36
CA LYS B 64 -22.46 2.56 0.65
C LYS B 64 -22.75 1.29 -0.16
N SER B 65 -21.73 0.43 -0.33
CA SER B 65 -21.88 -0.84 -1.04
C SER B 65 -22.31 -0.76 -2.52
N ARG B 66 -22.03 0.37 -3.17
CA ARG B 66 -22.41 0.54 -4.58
C ARG B 66 -21.31 0.09 -5.53
N VAL B 67 -20.12 -0.17 -4.98
CA VAL B 67 -19.00 -0.57 -5.81
C VAL B 67 -18.73 -2.06 -5.93
N THR B 68 -18.21 -2.44 -7.09
CA THR B 68 -17.86 -3.82 -7.39
C THR B 68 -16.55 -3.73 -8.17
N ILE B 69 -15.58 -4.57 -7.84
CA ILE B 69 -14.29 -4.57 -8.53
C ILE B 69 -14.01 -6.00 -8.96
N SER B 70 -13.65 -6.19 -10.22
CA SER B 70 -13.36 -7.53 -10.72
C SER B 70 -12.11 -7.56 -11.61
N VAL B 71 -11.58 -8.77 -11.80
CA VAL B 71 -10.39 -9.00 -12.60
C VAL B 71 -10.73 -9.87 -13.81
N ASP B 72 -10.31 -9.45 -15.00
CA ASP B 72 -10.55 -10.18 -16.25
C ASP B 72 -9.23 -10.77 -16.74
N THR B 73 -8.87 -11.94 -16.22
CA THR B 73 -7.60 -12.59 -16.58
C THR B 73 -7.48 -12.99 -18.05
N SER B 74 -8.61 -13.13 -18.74
CA SER B 74 -8.60 -13.51 -20.15
C SER B 74 -8.10 -12.34 -21.00
N LYS B 75 -8.67 -11.16 -20.77
CA LYS B 75 -8.30 -9.95 -21.53
C LYS B 75 -7.33 -9.05 -20.76
N ASN B 76 -6.70 -9.60 -19.73
CA ASN B 76 -5.72 -8.90 -18.89
C ASN B 76 -6.11 -7.47 -18.50
N ARG B 77 -7.25 -7.34 -17.84
CA ARG B 77 -7.74 -6.03 -17.41
C ARG B 77 -8.60 -6.16 -16.14
N PHE B 78 -8.84 -5.06 -15.45
CA PHE B 78 -9.69 -5.09 -14.27
C PHE B 78 -10.71 -3.96 -14.37
N SER B 79 -11.82 -4.06 -13.65
CA SER B 79 -12.86 -3.06 -13.76
C SER B 79 -13.43 -2.48 -12.48
N LEU B 80 -14.25 -1.45 -12.65
CA LEU B 80 -14.90 -0.75 -11.57
C LEU B 80 -16.34 -0.52 -11.96
N LYS B 81 -17.27 -0.82 -11.05
CA LYS B 81 -18.69 -0.61 -11.27
C LYS B 81 -19.32 0.08 -10.07
N LEU B 82 -19.80 1.30 -10.29
CA LEU B 82 -20.42 2.08 -9.24
C LEU B 82 -21.89 2.30 -9.56
N ASN B 83 -22.78 1.76 -8.73
CA ASN B 83 -24.21 1.91 -8.94
C ASN B 83 -24.75 3.23 -8.41
N SER B 84 -25.97 3.56 -8.83
CA SER B 84 -26.70 4.75 -8.40
C SER B 84 -25.81 5.97 -8.21
N VAL B 85 -25.25 6.48 -9.30
CA VAL B 85 -24.39 7.65 -9.21
C VAL B 85 -25.22 8.92 -9.03
N THR B 86 -24.57 9.96 -8.51
CA THR B 86 -25.20 11.25 -8.30
C THR B 86 -24.10 12.29 -8.45
N ALA B 87 -24.47 13.56 -8.45
CA ALA B 87 -23.50 14.64 -8.61
C ALA B 87 -22.23 14.41 -7.78
N ALA B 88 -22.42 13.85 -6.59
CA ALA B 88 -21.32 13.58 -5.66
C ALA B 88 -20.19 12.69 -6.20
N ASP B 89 -20.50 11.80 -7.12
CA ASP B 89 -19.50 10.90 -7.68
C ASP B 89 -18.70 11.49 -8.84
N THR B 90 -18.82 12.79 -9.06
CA THR B 90 -18.10 13.44 -10.14
C THR B 90 -16.65 13.55 -9.70
N ALA B 91 -15.73 13.09 -10.54
CA ALA B 91 -14.31 13.14 -10.20
C ALA B 91 -13.44 12.57 -11.30
N VAL B 92 -12.13 12.55 -11.05
CA VAL B 92 -11.18 11.97 -11.98
C VAL B 92 -10.85 10.63 -11.35
N TYR B 93 -11.16 9.54 -12.05
CA TYR B 93 -10.86 8.22 -11.53
C TYR B 93 -9.53 7.70 -12.05
N TYR B 94 -8.75 7.12 -11.13
CA TYR B 94 -7.45 6.56 -11.48
C TYR B 94 -7.35 5.09 -11.11
N CYS B 95 -6.72 4.30 -11.99
CA CYS B 95 -6.50 2.91 -11.67
C CYS B 95 -5.01 2.82 -11.32
N ALA B 96 -4.64 1.84 -10.51
CA ALA B 96 -3.25 1.70 -10.13
C ALA B 96 -2.95 0.37 -9.48
N ARG B 97 -1.68 -0.01 -9.52
CA ARG B 97 -1.26 -1.24 -8.88
C ARG B 97 -1.30 -0.88 -7.39
N TRP B 98 -1.73 -1.81 -6.54
CA TRP B 98 -1.84 -1.57 -5.11
C TRP B 98 -0.59 -0.99 -4.46
N ASP B 99 0.59 -1.40 -4.92
CA ASP B 99 1.82 -0.90 -4.34
C ASP B 99 2.02 0.61 -4.57
N GLY B 100 1.14 1.20 -5.38
CA GLY B 100 1.23 2.62 -5.66
C GLY B 100 2.29 2.98 -6.70
N ASP B 101 3.02 1.99 -7.20
CA ASP B 101 4.05 2.26 -8.19
C ASP B 101 3.53 2.68 -9.58
N TYR B 102 2.52 1.98 -10.09
CA TYR B 102 1.98 2.29 -11.41
C TYR B 102 0.59 2.89 -11.39
N TRP B 103 0.35 3.88 -12.25
CA TRP B 103 -0.95 4.55 -12.34
C TRP B 103 -1.44 4.77 -13.77
N GLY B 104 -2.75 4.94 -13.91
CA GLY B 104 -3.33 5.21 -15.22
C GLY B 104 -3.28 6.71 -15.47
N GLN B 105 -3.68 7.14 -16.66
CA GLN B 105 -3.67 8.56 -17.01
C GLN B 105 -4.72 9.27 -16.18
N GLY B 106 -5.75 8.52 -15.78
CA GLY B 106 -6.82 9.10 -15.03
C GLY B 106 -7.91 9.50 -16.01
N ILE B 107 -9.16 9.33 -15.62
CA ILE B 107 -10.26 9.68 -16.50
C ILE B 107 -11.31 10.48 -15.76
N LEU B 108 -11.74 11.57 -16.38
CA LEU B 108 -12.74 12.44 -15.78
C LEU B 108 -14.15 11.91 -16.06
N VAL B 109 -14.94 11.78 -15.01
CA VAL B 109 -16.31 11.31 -15.15
C VAL B 109 -17.20 12.37 -14.52
N THR B 110 -18.14 12.88 -15.29
CA THR B 110 -19.03 13.91 -14.79
C THR B 110 -20.47 13.41 -14.75
N VAL B 111 -21.09 13.52 -13.58
CA VAL B 111 -22.48 13.11 -13.42
C VAL B 111 -23.31 14.40 -13.35
N SER B 112 -23.36 15.10 -14.48
CA SER B 112 -24.09 16.37 -14.59
C SER B 112 -25.52 16.32 -14.04
N SER B 113 -25.69 16.85 -12.83
CA SER B 113 -27.00 16.88 -12.18
C SER B 113 -27.01 17.75 -10.93
N LYS C 1 21.27 -14.15 10.53
CA LYS C 1 20.97 -13.64 11.90
C LYS C 1 19.74 -14.32 12.51
N VAL C 2 19.80 -14.56 13.81
CA VAL C 2 18.69 -15.16 14.52
C VAL C 2 18.29 -14.21 15.64
N PHE C 3 17.01 -13.87 15.70
CA PHE C 3 16.51 -12.96 16.73
C PHE C 3 16.15 -13.67 18.02
N GLY C 4 16.09 -12.88 19.08
CA GLY C 4 15.66 -13.38 20.38
C GLY C 4 14.18 -12.97 20.33
N ARG C 5 13.36 -13.54 21.19
CA ARG C 5 11.93 -13.22 21.20
C ARG C 5 11.63 -11.72 21.37
N CYS C 6 12.21 -11.11 22.40
CA CYS C 6 11.97 -9.70 22.64
C CYS C 6 12.61 -8.75 21.62
N GLU C 7 13.79 -9.12 21.13
CA GLU C 7 14.48 -8.32 20.13
C GLU C 7 13.68 -8.20 18.82
N LEU C 8 13.03 -9.29 18.42
CA LEU C 8 12.24 -9.28 17.20
C LEU C 8 10.96 -8.49 17.42
N ALA C 9 10.38 -8.63 18.62
CA ALA C 9 9.16 -7.93 18.97
C ALA C 9 9.40 -6.45 18.77
N ALA C 10 10.55 -5.99 19.25
CA ALA C 10 10.94 -4.59 19.14
C ALA C 10 11.19 -4.17 17.67
N ALA C 11 11.85 -5.03 16.90
CA ALA C 11 12.11 -4.71 15.49
C ALA C 11 10.80 -4.63 14.66
N MET C 12 9.87 -5.55 14.92
CA MET C 12 8.61 -5.56 14.18
C MET C 12 7.72 -4.37 14.53
N LYS C 13 7.83 -3.92 15.79
CA LYS C 13 7.06 -2.79 16.28
C LYS C 13 7.61 -1.56 15.58
N ARG C 14 8.91 -1.51 15.45
CA ARG C 14 9.59 -0.39 14.78
C ARG C 14 9.31 -0.41 13.28
N HIS C 15 8.94 -1.59 12.76
CA HIS C 15 8.64 -1.73 11.34
C HIS C 15 7.15 -1.62 11.02
N GLY C 16 6.41 -1.12 12.01
CA GLY C 16 4.99 -0.90 11.85
C GLY C 16 4.10 -2.12 11.72
N LEU C 17 4.45 -3.20 12.40
CA LEU C 17 3.65 -4.41 12.34
C LEU C 17 2.64 -4.51 13.47
N ASP C 18 2.92 -3.84 14.59
CA ASP C 18 2.00 -3.88 15.70
C ASP C 18 0.66 -3.30 15.25
N ASN C 19 -0.36 -4.16 15.17
CA ASN C 19 -1.68 -3.76 14.76
C ASN C 19 -1.86 -3.38 13.30
N TYR C 20 -1.07 -3.99 12.42
CA TYR C 20 -1.21 -3.72 11.01
C TYR C 20 -2.39 -4.53 10.51
N ARG C 21 -3.40 -3.84 9.98
CA ARG C 21 -4.62 -4.47 9.48
C ARG C 21 -5.30 -5.38 10.50
N GLY C 22 -5.33 -4.96 11.77
CA GLY C 22 -5.98 -5.73 12.81
C GLY C 22 -5.19 -6.87 13.45
N TYR C 23 -3.91 -7.02 13.14
CA TYR C 23 -3.11 -8.11 13.75
C TYR C 23 -2.08 -7.58 14.74
N SER C 24 -2.34 -7.81 16.03
CA SER C 24 -1.44 -7.38 17.09
C SER C 24 -0.05 -8.01 16.95
N LEU C 25 0.96 -7.30 17.46
CA LEU C 25 2.35 -7.71 17.39
C LEU C 25 2.65 -9.17 17.77
N GLY C 26 1.94 -9.68 18.79
CA GLY C 26 2.14 -11.05 19.22
C GLY C 26 1.89 -12.08 18.13
N ASN C 27 1.02 -11.74 17.17
CA ASN C 27 0.73 -12.65 16.05
C ASN C 27 1.93 -12.75 15.12
N TRP C 28 2.56 -11.61 14.83
CA TRP C 28 3.70 -11.58 13.94
C TRP C 28 4.93 -12.26 14.54
N VAL C 29 5.10 -12.13 15.85
CA VAL C 29 6.24 -12.73 16.51
C VAL C 29 6.05 -14.24 16.56
N CYS C 30 4.81 -14.66 16.82
CA CYS C 30 4.45 -16.08 16.89
C CYS C 30 4.62 -16.68 15.49
N ALA C 31 4.09 -16.00 14.50
CA ALA C 31 4.20 -16.44 13.10
C ALA C 31 5.66 -16.65 12.72
N ALA C 32 6.52 -15.71 13.11
CA ALA C 32 7.95 -15.81 12.81
C ALA C 32 8.58 -17.00 13.52
N LYS C 33 8.14 -17.23 14.75
CA LYS C 33 8.64 -18.35 15.55
C LYS C 33 8.44 -19.71 14.90
N PHE C 34 7.20 -19.99 14.48
CA PHE C 34 6.89 -21.27 13.90
C PHE C 34 7.16 -21.43 12.41
N GLU C 35 7.41 -20.33 11.73
CA GLU C 35 7.70 -20.39 10.30
C GLU C 35 9.20 -20.57 10.09
N SER C 36 10.01 -19.78 10.79
CA SER C 36 11.46 -19.81 10.63
C SER C 36 12.27 -19.91 11.92
N ASN C 37 11.57 -19.90 13.05
CA ASN C 37 12.21 -19.94 14.37
C ASN C 37 13.14 -18.74 14.56
N PHE C 38 12.63 -17.56 14.16
CA PHE C 38 13.35 -16.29 14.25
C PHE C 38 14.62 -16.16 13.39
N ASN C 39 14.76 -17.01 12.37
CA ASN C 39 15.94 -16.99 11.50
C ASN C 39 15.73 -16.20 10.21
N THR C 40 16.46 -15.11 10.05
CA THR C 40 16.33 -14.29 8.85
C THR C 40 16.95 -15.01 7.63
N GLN C 41 17.79 -16.00 7.91
CA GLN C 41 18.46 -16.77 6.86
C GLN C 41 17.77 -18.06 6.46
N ALA C 42 16.75 -18.48 7.20
CA ALA C 42 16.03 -19.72 6.89
C ALA C 42 15.51 -19.78 5.45
N THR C 43 15.55 -20.98 4.88
CA THR C 43 15.07 -21.24 3.53
C THR C 43 14.65 -22.69 3.47
N ASN C 44 13.48 -22.95 2.88
CA ASN C 44 12.97 -24.31 2.78
C ASN C 44 12.51 -24.61 1.35
N ARG C 45 13.03 -25.68 0.77
CA ARG C 45 12.64 -26.05 -0.57
C ARG C 45 11.37 -26.89 -0.53
N ASN C 46 10.34 -26.41 -1.20
CA ASN C 46 9.06 -27.11 -1.24
C ASN C 46 9.12 -28.23 -2.26
N THR C 47 8.15 -29.13 -2.19
CA THR C 47 8.11 -30.29 -3.08
C THR C 47 7.79 -30.00 -4.55
N ASP C 48 7.37 -28.77 -4.86
CA ASP C 48 7.05 -28.45 -6.24
C ASP C 48 8.11 -27.59 -6.90
N GLY C 49 9.33 -27.63 -6.36
CA GLY C 49 10.41 -26.84 -6.93
C GLY C 49 10.50 -25.41 -6.45
N SER C 50 9.50 -24.95 -5.69
CA SER C 50 9.51 -23.58 -5.18
C SER C 50 10.24 -23.57 -3.85
N THR C 51 10.53 -22.39 -3.33
CA THR C 51 11.25 -22.27 -2.06
C THR C 51 10.78 -21.10 -1.19
N ASP C 52 10.70 -21.34 0.11
CA ASP C 52 10.30 -20.31 1.08
C ASP C 52 11.56 -19.62 1.61
N TYR C 53 11.57 -18.29 1.59
CA TYR C 53 12.74 -17.55 2.05
C TYR C 53 12.50 -16.59 3.20
N GLY C 54 13.47 -16.54 4.10
CA GLY C 54 13.41 -15.60 5.21
C GLY C 54 12.66 -15.93 6.48
N ILE C 55 12.76 -14.98 7.40
CA ILE C 55 12.15 -15.05 8.70
C ILE C 55 10.65 -15.34 8.68
N LEU C 56 10.01 -15.13 7.52
CA LEU C 56 8.58 -15.42 7.39
C LEU C 56 8.32 -16.39 6.24
N GLN C 57 9.33 -17.17 5.91
CA GLN C 57 9.24 -18.19 4.85
C GLN C 57 8.30 -17.79 3.71
N ILE C 58 8.71 -16.80 2.94
CA ILE C 58 7.90 -16.33 1.83
C ILE C 58 8.20 -17.11 0.55
N ASN C 59 7.16 -17.77 0.05
CA ASN C 59 7.20 -18.62 -1.14
C ASN C 59 7.62 -17.97 -2.47
N SER C 60 8.54 -18.62 -3.18
CA SER C 60 9.05 -18.11 -4.45
C SER C 60 8.12 -18.34 -5.64
N ARG C 61 7.01 -19.04 -5.43
CA ARG C 61 6.11 -19.27 -6.56
C ARG C 61 5.21 -18.07 -6.84
N TRP C 62 4.92 -17.26 -5.82
CA TRP C 62 4.05 -16.10 -6.04
C TRP C 62 4.52 -14.76 -5.51
N TRP C 63 5.53 -14.74 -4.65
CA TRP C 63 5.96 -13.48 -4.07
C TRP C 63 7.30 -12.87 -4.46
N CYS C 64 8.25 -13.72 -4.83
CA CYS C 64 9.56 -13.22 -5.22
C CYS C 64 10.14 -14.09 -6.33
N ASN C 65 11.23 -13.63 -6.93
CA ASN C 65 11.82 -14.41 -7.99
C ASN C 65 13.22 -14.91 -7.62
N ASP C 66 13.44 -16.21 -7.81
CA ASP C 66 14.74 -16.81 -7.53
C ASP C 66 15.23 -17.45 -8.83
N GLY C 67 14.44 -17.27 -9.89
CA GLY C 67 14.78 -17.80 -11.19
C GLY C 67 14.79 -19.31 -11.30
N ARG C 68 14.45 -19.99 -10.20
CA ARG C 68 14.44 -21.45 -10.19
C ARG C 68 13.03 -22.04 -10.13
N THR C 69 12.02 -21.20 -10.37
CA THR C 69 10.63 -21.68 -10.31
C THR C 69 9.92 -21.50 -11.65
N PRO C 70 9.33 -22.59 -12.19
CA PRO C 70 8.60 -22.68 -13.45
C PRO C 70 7.76 -21.46 -13.83
N GLY C 71 6.44 -21.60 -13.73
CA GLY C 71 5.55 -20.50 -14.04
C GLY C 71 5.38 -19.66 -12.79
N SER C 72 6.49 -19.12 -12.32
CA SER C 72 6.53 -18.31 -11.10
C SER C 72 6.04 -16.88 -11.25
N ARG C 73 5.35 -16.42 -10.21
CA ARG C 73 4.84 -15.05 -10.16
C ARG C 73 5.80 -14.31 -9.22
N ASN C 74 5.79 -12.98 -9.29
CA ASN C 74 6.68 -12.17 -8.47
C ASN C 74 5.91 -10.96 -7.98
N LEU C 75 4.80 -11.23 -7.30
CA LEU C 75 3.92 -10.19 -6.78
C LEU C 75 4.59 -9.12 -5.94
N CYS C 76 5.58 -9.50 -5.14
CA CYS C 76 6.28 -8.50 -4.33
C CYS C 76 7.35 -7.79 -5.15
N ASN C 77 7.54 -8.26 -6.38
CA ASN C 77 8.50 -7.67 -7.30
C ASN C 77 9.90 -7.52 -6.73
N ILE C 78 10.47 -8.61 -6.23
CA ILE C 78 11.83 -8.58 -5.67
C ILE C 78 12.57 -9.89 -5.85
N PRO C 79 13.91 -9.83 -5.82
CA PRO C 79 14.69 -11.06 -5.96
C PRO C 79 14.57 -11.75 -4.61
N CYS C 80 14.27 -13.04 -4.59
CA CYS C 80 14.11 -13.74 -3.33
C CYS C 80 15.29 -13.55 -2.39
N SER C 81 16.43 -13.17 -2.95
CA SER C 81 17.62 -12.95 -2.13
C SER C 81 17.45 -11.78 -1.15
N ALA C 82 16.63 -10.80 -1.50
CA ALA C 82 16.40 -9.64 -0.65
C ALA C 82 15.65 -9.98 0.64
N LEU C 83 15.09 -11.20 0.70
CA LEU C 83 14.38 -11.64 1.89
C LEU C 83 15.35 -12.32 2.87
N LEU C 84 16.58 -12.55 2.43
CA LEU C 84 17.60 -13.19 3.28
C LEU C 84 18.66 -12.22 3.79
N SER C 85 18.31 -11.41 4.77
CA SER C 85 19.27 -10.46 5.34
C SER C 85 18.90 -10.24 6.79
N SER C 86 19.84 -9.70 7.57
CA SER C 86 19.60 -9.45 8.98
C SER C 86 18.63 -8.28 9.16
N ASP C 87 18.50 -7.47 8.11
CA ASP C 87 17.60 -6.33 8.11
C ASP C 87 16.29 -6.85 7.53
N ILE C 88 15.24 -6.86 8.34
CA ILE C 88 13.95 -7.39 7.93
C ILE C 88 13.05 -6.51 7.04
N THR C 89 13.52 -5.32 6.68
CA THR C 89 12.72 -4.39 5.87
C THR C 89 11.98 -4.99 4.67
N ALA C 90 12.68 -5.71 3.79
CA ALA C 90 12.04 -6.31 2.62
C ALA C 90 11.06 -7.41 3.04
N SER C 91 11.44 -8.20 4.03
CA SER C 91 10.56 -9.26 4.50
C SER C 91 9.26 -8.67 5.04
N VAL C 92 9.36 -7.58 5.80
CA VAL C 92 8.16 -6.95 6.35
C VAL C 92 7.28 -6.35 5.26
N ASN C 93 7.88 -5.60 4.34
CA ASN C 93 7.14 -4.98 3.24
C ASN C 93 6.32 -6.00 2.44
N CYS C 94 6.91 -7.16 2.16
CA CYS C 94 6.21 -8.19 1.38
C CYS C 94 5.14 -8.85 2.25
N ALA C 95 5.45 -9.04 3.54
CA ALA C 95 4.48 -9.62 4.45
C ALA C 95 3.25 -8.70 4.57
N LYS C 96 3.46 -7.39 4.57
CA LYS C 96 2.32 -6.49 4.67
C LYS C 96 1.41 -6.64 3.45
N LYS C 97 1.99 -6.73 2.25
CA LYS C 97 1.18 -6.91 1.04
C LYS C 97 0.38 -8.21 1.14
N ILE C 98 1.09 -9.30 1.45
CA ILE C 98 0.51 -10.64 1.62
C ILE C 98 -0.69 -10.67 2.58
N VAL C 99 -0.53 -10.09 3.75
CA VAL C 99 -1.60 -10.09 4.74
C VAL C 99 -2.74 -9.10 4.38
N SER C 100 -2.55 -8.31 3.31
CA SER C 100 -3.59 -7.34 2.91
C SER C 100 -4.64 -8.04 2.05
N ASP C 101 -4.39 -9.31 1.74
CA ASP C 101 -5.34 -10.12 0.98
C ASP C 101 -6.47 -10.46 1.94
N GLY C 102 -7.57 -11.00 1.42
CA GLY C 102 -8.69 -11.34 2.28
C GLY C 102 -8.41 -12.45 3.28
N ASN C 103 -7.47 -13.33 2.95
CA ASN C 103 -7.12 -14.45 3.82
C ASN C 103 -6.35 -14.07 5.07
N GLY C 104 -5.87 -12.83 5.13
CA GLY C 104 -5.12 -12.37 6.29
C GLY C 104 -3.89 -13.22 6.55
N MET C 105 -3.62 -13.49 7.82
CA MET C 105 -2.45 -14.28 8.22
C MET C 105 -2.60 -15.77 8.01
N ASN C 106 -3.71 -16.17 7.38
CA ASN C 106 -3.96 -17.57 7.08
C ASN C 106 -2.99 -17.99 5.97
N ALA C 107 -2.45 -17.01 5.25
CA ALA C 107 -1.49 -17.31 4.19
C ALA C 107 -0.33 -18.15 4.76
N TRP C 108 -0.05 -17.99 6.06
CA TRP C 108 1.02 -18.73 6.72
C TRP C 108 0.49 -19.95 7.46
N VAL C 109 0.76 -21.13 6.90
CA VAL C 109 0.31 -22.39 7.48
C VAL C 109 0.71 -22.56 8.95
N ALA C 110 1.94 -22.15 9.28
CA ALA C 110 2.41 -22.28 10.66
C ALA C 110 1.61 -21.40 11.61
N TRP C 111 1.21 -20.23 11.12
CA TRP C 111 0.44 -19.31 11.95
C TRP C 111 -0.94 -19.92 12.17
N ARG C 112 -1.50 -20.52 11.12
CA ARG C 112 -2.82 -21.14 11.20
C ARG C 112 -2.85 -22.33 12.18
N ASN C 113 -1.76 -23.11 12.21
CA ASN C 113 -1.67 -24.28 13.09
C ASN C 113 -1.17 -24.00 14.52
N ARG C 114 -0.27 -23.05 14.70
CA ARG C 114 0.25 -22.82 16.02
C ARG C 114 -0.09 -21.53 16.72
N CYS C 115 -0.53 -20.52 15.97
CA CYS C 115 -0.84 -19.23 16.60
C CYS C 115 -2.30 -18.86 16.69
N LYS C 116 -3.02 -18.97 15.57
CA LYS C 116 -4.43 -18.63 15.55
C LYS C 116 -5.19 -19.27 16.70
N GLY C 117 -5.99 -18.48 17.42
CA GLY C 117 -6.76 -19.01 18.52
C GLY C 117 -6.03 -19.20 19.84
N THR C 118 -4.79 -18.73 19.94
CA THR C 118 -4.06 -18.88 21.19
C THR C 118 -3.77 -17.51 21.80
N ASP C 119 -3.18 -17.54 22.99
CA ASP C 119 -2.80 -16.33 23.71
C ASP C 119 -1.49 -15.82 23.09
N VAL C 120 -1.59 -15.30 21.87
CA VAL C 120 -0.42 -14.79 21.14
C VAL C 120 0.25 -13.62 21.83
N GLN C 121 -0.49 -12.98 22.73
CA GLN C 121 0.03 -11.84 23.48
C GLN C 121 1.20 -12.30 24.35
N ALA C 122 1.26 -13.60 24.64
CA ALA C 122 2.30 -14.17 25.47
C ALA C 122 3.69 -14.03 24.83
N TRP C 123 3.73 -14.01 23.51
CA TRP C 123 4.99 -13.90 22.79
C TRP C 123 5.69 -12.56 22.98
N ILE C 124 4.96 -11.53 23.39
CA ILE C 124 5.57 -10.23 23.59
C ILE C 124 5.52 -9.81 25.04
N ARG C 125 4.84 -10.60 25.86
CA ARG C 125 4.71 -10.31 27.29
C ARG C 125 6.05 -10.50 27.96
N GLY C 126 6.44 -9.54 28.79
CA GLY C 126 7.72 -9.65 29.48
C GLY C 126 8.90 -9.13 28.68
N CYS C 127 8.63 -8.23 27.74
CA CYS C 127 9.69 -7.66 26.92
C CYS C 127 10.01 -6.22 27.34
N ARG C 128 10.79 -5.52 26.54
CA ARG C 128 11.19 -4.13 26.84
C ARG C 128 11.30 -3.89 28.34
N LEU C 129 12.43 -4.32 28.90
CA LEU C 129 12.72 -4.19 30.32
C LEU C 129 11.70 -4.95 31.17
#